data_1IQ7
#
_entry.id   1IQ7
#
_cell.length_a   103.580
_cell.length_b   81.130
_cell.length_c   50.080
_cell.angle_alpha   90.00
_cell.angle_beta   90.00
_cell.angle_gamma   90.00
#
_symmetry.space_group_name_H-M   'P 21 21 2'
#
loop_
_entity.id
_entity.type
_entity.pdbx_description
1 polymer Ovotransferrin
2 non-polymer 2-acetamido-2-deoxy-beta-D-glucopyranose
3 non-polymer 'SULFATE ION'
4 water water
#
_entity_poly.entity_id   1
_entity_poly.type   'polypeptide(L)'
_entity_poly.pdbx_seq_one_letter_code
;ENRIQWCAVGKDEKSKCDRWSVVSNGDVECTVVDETKDCIIKIMKGEADAVALDGGLVYTAGVCGLVPVMAERYDDESQC
SKTDERPASYFAVAVARKDSNVNWNNLKGKKSCHTAVGRTAGWVIPMGLIHNRTGTCNFDEYFSEGCAPGSPPNSRLCQL
CQGSGGIPPEKCVASSHEKYFGYTGALRCLVEKGDVAFIQHSTVEENTGGKNKADWAKNLQMDDFELLCTDGRRANVMDY
RECNLAEVPTHAVVVRPEKANKIRDLLERQEKRFGVNGSEKSKFMMFESQNKDLLFKDLTKCLFKVREGTTYKEFLGDKF
YTVISSLKTCNPSDILQMCSFLEGK
;
_entity_poly.pdbx_strand_id   A
#
# COMPACT_ATOMS: atom_id res chain seq x y z
N ARG A 3 -2.79 23.84 -15.94
CA ARG A 3 -2.65 22.90 -17.09
C ARG A 3 -2.28 21.48 -16.63
N ILE A 4 -3.01 21.02 -15.62
CA ILE A 4 -2.83 19.68 -15.05
C ILE A 4 -3.96 19.38 -14.09
N GLN A 5 -4.97 18.68 -14.59
CA GLN A 5 -6.13 18.30 -13.78
C GLN A 5 -5.74 17.18 -12.84
N TRP A 6 -5.59 17.49 -11.55
CA TRP A 6 -5.22 16.44 -10.62
C TRP A 6 -6.47 15.76 -10.11
N CYS A 7 -6.36 14.44 -9.91
CA CYS A 7 -7.49 13.66 -9.42
C CYS A 7 -7.44 13.48 -7.92
N ALA A 8 -8.34 14.18 -7.24
CA ALA A 8 -8.45 14.13 -5.80
C ALA A 8 -9.57 13.16 -5.43
N VAL A 9 -9.33 12.36 -4.39
CA VAL A 9 -10.32 11.41 -3.92
C VAL A 9 -10.77 11.83 -2.53
N GLY A 10 -12.06 12.10 -2.38
CA GLY A 10 -12.58 12.51 -1.09
C GLY A 10 -12.53 14.02 -0.90
N LYS A 11 -13.25 14.50 0.11
CA LYS A 11 -13.30 15.93 0.39
C LYS A 11 -11.99 16.48 0.94
N ASP A 12 -11.29 15.71 1.78
CA ASP A 12 -10.03 16.17 2.33
C ASP A 12 -9.00 16.46 1.24
N GLU A 13 -8.80 15.52 0.34
CA GLU A 13 -7.85 15.73 -0.75
C GLU A 13 -8.32 16.90 -1.59
N LYS A 14 -9.63 16.92 -1.86
CA LYS A 14 -10.22 18.00 -2.64
C LYS A 14 -9.84 19.34 -2.03
N SER A 15 -9.98 19.47 -0.71
CA SER A 15 -9.64 20.69 -0.02
C SER A 15 -8.21 21.07 -0.32
N LYS A 16 -7.29 20.15 -0.01
CA LYS A 16 -5.87 20.37 -0.26
C LYS A 16 -5.62 20.67 -1.73
N CYS A 17 -6.31 19.95 -2.60
CA CYS A 17 -6.14 20.16 -4.04
C CYS A 17 -6.53 21.58 -4.42
N ASP A 18 -7.56 22.10 -3.76
CA ASP A 18 -8.01 23.46 -4.02
C ASP A 18 -6.94 24.44 -3.55
N ARG A 19 -6.39 24.19 -2.37
CA ARG A 19 -5.32 25.05 -1.86
C ARG A 19 -4.24 25.11 -2.92
N TRP A 20 -3.78 23.93 -3.34
CA TRP A 20 -2.74 23.81 -4.35
C TRP A 20 -3.12 24.56 -5.63
N SER A 21 -4.35 24.38 -6.07
CA SER A 21 -4.82 25.05 -7.28
C SER A 21 -4.68 26.55 -7.11
N VAL A 22 -5.05 27.04 -5.94
CA VAL A 22 -4.97 28.46 -5.64
C VAL A 22 -3.53 28.98 -5.71
N VAL A 23 -2.67 28.49 -4.81
CA VAL A 23 -1.27 28.91 -4.75
C VAL A 23 -0.48 28.70 -6.04
N SER A 24 -0.85 27.70 -6.82
CA SER A 24 -0.15 27.44 -8.08
C SER A 24 -0.66 28.40 -9.15
N ASN A 25 -1.61 29.25 -8.75
CA ASN A 25 -2.21 30.23 -9.64
C ASN A 25 -2.93 29.54 -10.79
N GLY A 26 -3.75 28.55 -10.46
CA GLY A 26 -4.49 27.83 -11.48
C GLY A 26 -3.65 26.86 -12.30
N ASP A 27 -2.34 26.83 -12.05
CA ASP A 27 -1.46 25.92 -12.77
C ASP A 27 -1.93 24.49 -12.57
N VAL A 28 -2.54 24.24 -11.42
CA VAL A 28 -3.07 22.93 -11.08
C VAL A 28 -4.57 23.06 -10.85
N GLU A 29 -5.35 22.19 -11.49
CA GLU A 29 -6.79 22.21 -11.32
C GLU A 29 -7.18 20.94 -10.58
N CYS A 30 -8.45 20.81 -10.20
CA CYS A 30 -8.87 19.63 -9.43
C CYS A 30 -10.10 18.90 -9.92
N THR A 31 -10.01 17.57 -9.87
CA THR A 31 -11.11 16.69 -10.26
C THR A 31 -11.34 15.82 -9.03
N VAL A 32 -12.53 15.88 -8.46
CA VAL A 32 -12.85 15.10 -7.28
C VAL A 32 -13.64 13.84 -7.59
N VAL A 33 -13.26 12.74 -6.94
CA VAL A 33 -13.94 11.47 -7.12
C VAL A 33 -14.10 10.83 -5.75
N ASP A 34 -14.94 9.80 -5.68
CA ASP A 34 -15.18 9.13 -4.42
C ASP A 34 -14.11 8.10 -4.11
N GLU A 35 -13.77 7.28 -5.09
CA GLU A 35 -12.76 6.25 -4.89
C GLU A 35 -11.55 6.46 -5.79
N THR A 36 -10.42 5.91 -5.35
CA THR A 36 -9.18 6.04 -6.11
C THR A 36 -9.31 5.42 -7.49
N LYS A 37 -9.92 4.25 -7.58
CA LYS A 37 -10.08 3.58 -8.87
C LYS A 37 -10.80 4.49 -9.88
N ASP A 38 -11.66 5.36 -9.39
CA ASP A 38 -12.39 6.27 -10.26
C ASP A 38 -11.43 7.16 -11.05
N CYS A 39 -10.27 7.42 -10.47
CA CYS A 39 -9.27 8.25 -11.12
C CYS A 39 -8.70 7.63 -12.39
N ILE A 40 -8.57 6.31 -12.41
CA ILE A 40 -8.03 5.64 -13.58
C ILE A 40 -8.86 5.96 -14.82
N ILE A 41 -10.17 5.78 -14.69
CA ILE A 41 -11.08 6.06 -15.79
C ILE A 41 -11.04 7.53 -16.21
N LYS A 42 -11.05 8.43 -15.23
CA LYS A 42 -11.04 9.85 -15.55
C LYS A 42 -9.78 10.32 -16.26
N ILE A 43 -8.67 9.63 -16.05
CA ILE A 43 -7.44 10.02 -16.74
C ILE A 43 -7.47 9.40 -18.13
N MET A 44 -8.22 8.33 -18.28
CA MET A 44 -8.35 7.66 -19.58
C MET A 44 -9.24 8.54 -20.47
N LYS A 45 -10.31 9.06 -19.89
CA LYS A 45 -11.26 9.92 -20.59
C LYS A 45 -10.70 11.34 -20.69
N GLY A 46 -9.42 11.48 -20.35
CA GLY A 46 -8.77 12.78 -20.41
C GLY A 46 -9.36 13.88 -19.54
N GLU A 47 -10.27 13.56 -18.64
CA GLU A 47 -10.81 14.61 -17.79
C GLU A 47 -10.13 14.62 -16.44
N ALA A 48 -8.88 14.16 -16.46
CA ALA A 48 -8.02 14.08 -15.28
C ALA A 48 -6.66 13.81 -15.90
N ASP A 49 -5.62 14.40 -15.34
CA ASP A 49 -4.27 14.23 -15.86
C ASP A 49 -3.38 13.26 -15.09
N ALA A 50 -3.39 13.37 -13.76
CA ALA A 50 -2.53 12.53 -12.95
C ALA A 50 -3.11 12.18 -11.59
N VAL A 51 -2.51 11.18 -10.96
CA VAL A 51 -2.94 10.74 -9.63
C VAL A 51 -1.88 9.81 -9.06
N ALA A 52 -1.66 9.90 -7.75
CA ALA A 52 -0.69 9.03 -7.08
C ALA A 52 -1.39 7.72 -6.70
N LEU A 53 -0.82 6.60 -7.13
CA LEU A 53 -1.43 5.32 -6.82
C LEU A 53 -0.47 4.38 -6.10
N ASP A 54 -1.03 3.37 -5.45
CA ASP A 54 -0.22 2.38 -4.77
C ASP A 54 -0.03 1.27 -5.80
N GLY A 55 0.82 0.30 -5.46
CA GLY A 55 1.11 -0.80 -6.36
C GLY A 55 -0.08 -1.45 -7.04
N GLY A 56 -1.04 -1.89 -6.24
CA GLY A 56 -2.22 -2.54 -6.79
C GLY A 56 -2.92 -1.70 -7.84
N LEU A 57 -3.12 -0.42 -7.55
CA LEU A 57 -3.79 0.45 -8.51
C LEU A 57 -2.91 0.74 -9.70
N VAL A 58 -1.60 0.76 -9.48
CA VAL A 58 -0.66 1.02 -10.56
C VAL A 58 -0.79 -0.11 -11.57
N TYR A 59 -0.89 -1.32 -11.05
CA TYR A 59 -1.04 -2.49 -11.89
C TYR A 59 -2.28 -2.33 -12.76
N THR A 60 -3.39 -2.01 -12.11
CA THR A 60 -4.66 -1.82 -12.82
C THR A 60 -4.53 -0.71 -13.84
N ALA A 61 -3.99 0.44 -13.42
CA ALA A 61 -3.80 1.57 -14.32
C ALA A 61 -3.02 1.15 -15.57
N GLY A 62 -1.91 0.45 -15.35
CA GLY A 62 -1.09 0.01 -16.46
C GLY A 62 -1.82 -0.86 -17.45
N VAL A 63 -2.61 -1.81 -16.95
CA VAL A 63 -3.36 -2.68 -17.83
C VAL A 63 -4.29 -1.79 -18.65
N CYS A 64 -4.76 -0.70 -18.04
CA CYS A 64 -5.64 0.23 -18.74
C CYS A 64 -4.87 1.18 -19.62
N GLY A 65 -3.56 0.98 -19.71
CA GLY A 65 -2.74 1.82 -20.57
C GLY A 65 -2.13 3.06 -19.95
N LEU A 66 -2.29 3.25 -18.66
CA LEU A 66 -1.70 4.42 -17.99
C LEU A 66 -0.33 4.01 -17.45
N VAL A 67 0.67 4.84 -17.68
CA VAL A 67 2.01 4.52 -17.24
C VAL A 67 2.55 5.41 -16.12
N PRO A 68 3.40 4.86 -15.24
CA PRO A 68 3.97 5.62 -14.14
C PRO A 68 4.99 6.58 -14.72
N VAL A 69 4.95 7.84 -14.30
CA VAL A 69 5.86 8.82 -14.82
C VAL A 69 6.77 9.40 -13.74
N MET A 70 6.27 9.44 -12.51
CA MET A 70 7.06 9.94 -11.39
C MET A 70 6.67 9.13 -10.17
N ALA A 71 7.58 9.05 -9.21
CA ALA A 71 7.34 8.29 -7.99
C ALA A 71 7.88 9.03 -6.80
N GLU A 72 7.28 8.79 -5.64
CA GLU A 72 7.68 9.42 -4.40
C GLU A 72 8.94 8.78 -3.80
N ARG A 73 9.74 9.58 -3.12
CA ARG A 73 10.93 9.08 -2.43
C ARG A 73 10.69 9.42 -0.97
N TYR A 74 10.92 8.45 -0.10
CA TYR A 74 10.67 8.66 1.33
C TYR A 74 11.93 8.84 2.18
N ASP A 75 13.10 8.86 1.55
CA ASP A 75 14.35 9.00 2.30
C ASP A 75 14.98 10.40 2.34
N ASP A 76 15.78 10.73 1.34
CA ASP A 76 16.46 12.03 1.30
C ASP A 76 15.71 13.08 0.49
N GLU A 77 15.58 14.27 1.06
CA GLU A 77 14.89 15.40 0.41
C GLU A 77 15.38 15.62 -1.02
N SER A 78 16.68 15.46 -1.21
CA SER A 78 17.29 15.66 -2.53
C SER A 78 17.85 14.33 -3.05
N CYS A 80 16.75 13.95 -5.48
CA CYS A 80 15.86 12.93 -5.99
C CYS A 80 16.38 12.35 -7.29
N SER A 81 16.12 13.05 -8.39
CA SER A 81 16.57 12.59 -9.69
C SER A 81 18.09 12.74 -9.81
N LYS A 82 18.79 11.61 -9.66
CA LYS A 82 20.24 11.59 -9.75
C LYS A 82 20.66 10.94 -11.07
N ASP A 84 18.42 7.09 -10.91
CA ASP A 84 17.95 6.07 -11.83
C ASP A 84 17.56 4.80 -11.05
N GLU A 85 17.77 4.81 -9.74
CA GLU A 85 17.43 3.65 -8.92
C GLU A 85 16.04 3.81 -8.31
N ARG A 86 15.09 2.98 -8.76
CA ARG A 86 13.72 3.03 -8.26
C ARG A 86 13.69 2.71 -6.77
N PRO A 87 13.39 3.73 -5.93
CA PRO A 87 13.34 3.55 -4.48
C PRO A 87 12.32 2.51 -4.03
N ALA A 88 12.62 1.86 -2.91
CA ALA A 88 11.73 0.87 -2.35
C ALA A 88 11.02 1.52 -1.17
N SER A 89 9.79 1.10 -0.92
CA SER A 89 9.02 1.66 0.17
C SER A 89 9.31 0.88 1.44
N TYR A 90 9.17 -0.44 1.35
CA TYR A 90 9.41 -1.31 2.48
C TYR A 90 9.32 -2.75 1.98
N PHE A 91 9.47 -3.69 2.89
CA PHE A 91 9.40 -5.09 2.53
C PHE A 91 8.20 -5.73 3.22
N ALA A 92 7.38 -6.44 2.47
CA ALA A 92 6.22 -7.09 3.05
C ALA A 92 6.74 -8.37 3.72
N VAL A 93 6.60 -8.46 5.04
CA VAL A 93 7.08 -9.65 5.73
C VAL A 93 6.00 -10.38 6.48
N ALA A 94 6.15 -11.69 6.57
CA ALA A 94 5.21 -12.54 7.30
C ALA A 94 5.88 -12.83 8.63
N VAL A 95 5.24 -12.48 9.73
CA VAL A 95 5.83 -12.72 11.04
C VAL A 95 5.12 -13.80 11.83
N ALA A 96 5.89 -14.55 12.61
CA ALA A 96 5.35 -15.63 13.42
C ALA A 96 5.98 -15.54 14.80
N ARG A 97 5.38 -16.21 15.79
CA ARG A 97 5.95 -16.20 17.13
C ARG A 97 7.15 -17.14 17.17
N LYS A 98 8.21 -16.70 17.84
CA LYS A 98 9.42 -17.50 17.94
C LYS A 98 9.14 -18.89 18.50
N ASP A 99 8.40 -18.94 19.61
CA ASP A 99 8.08 -20.21 20.26
C ASP A 99 7.12 -21.12 19.50
N SER A 100 6.69 -20.71 18.32
CA SER A 100 5.77 -21.54 17.54
C SER A 100 6.54 -22.31 16.47
N ASN A 101 5.91 -23.34 15.93
CA ASN A 101 6.55 -24.15 14.91
C ASN A 101 5.71 -24.18 13.63
N VAL A 102 5.33 -23.01 13.17
CA VAL A 102 4.54 -22.89 11.95
C VAL A 102 5.41 -22.22 10.90
N ASN A 103 5.10 -22.45 9.63
CA ASN A 103 5.87 -21.84 8.56
C ASN A 103 5.06 -21.76 7.28
N TRP A 104 5.66 -21.26 6.21
CA TRP A 104 4.94 -21.08 4.96
C TRP A 104 4.31 -22.35 4.36
N ASN A 105 4.84 -23.51 4.71
CA ASN A 105 4.33 -24.76 4.16
C ASN A 105 3.09 -25.32 4.88
N ASN A 106 3.01 -25.15 6.19
CA ASN A 106 1.86 -25.64 6.96
C ASN A 106 0.94 -24.49 7.33
N LEU A 107 0.96 -23.44 6.51
CA LEU A 107 0.17 -22.24 6.76
C LEU A 107 -1.36 -22.39 6.66
N LYS A 108 -1.82 -23.34 5.86
CA LYS A 108 -3.26 -23.55 5.72
C LYS A 108 -3.85 -24.04 7.04
N GLY A 109 -5.00 -23.50 7.41
CA GLY A 109 -5.66 -23.90 8.64
C GLY A 109 -5.17 -23.17 9.89
N LYS A 110 -4.13 -22.36 9.74
CA LYS A 110 -3.61 -21.60 10.87
C LYS A 110 -4.44 -20.34 11.04
N LYS A 111 -4.15 -19.56 12.07
CA LYS A 111 -4.88 -18.32 12.31
C LYS A 111 -4.03 -17.14 11.81
N SER A 112 -4.62 -16.29 10.98
CA SER A 112 -3.88 -15.16 10.44
C SER A 112 -4.24 -13.80 10.99
N CYS A 113 -3.30 -12.87 10.83
CA CYS A 113 -3.47 -11.50 11.28
C CYS A 113 -3.11 -10.54 10.15
N HIS A 114 -4.11 -9.92 9.53
CA HIS A 114 -3.88 -9.01 8.43
C HIS A 114 -4.09 -7.56 8.88
N THR A 115 -3.34 -6.63 8.30
CA THR A 115 -3.50 -5.22 8.66
C THR A 115 -4.93 -4.78 8.35
N ALA A 116 -5.46 -5.29 7.24
CA ALA A 116 -6.81 -4.99 6.77
C ALA A 116 -6.95 -5.54 5.35
N VAL A 117 -8.18 -5.80 4.92
CA VAL A 117 -8.42 -6.32 3.58
C VAL A 117 -8.13 -5.25 2.55
N GLY A 118 -7.60 -5.66 1.40
CA GLY A 118 -7.30 -4.72 0.33
C GLY A 118 -5.97 -3.99 0.51
N ARG A 119 -5.35 -4.12 1.67
CA ARG A 119 -4.08 -3.45 1.91
C ARG A 119 -2.95 -4.22 1.22
N THR A 120 -1.93 -3.49 0.77
CA THR A 120 -0.80 -4.10 0.08
C THR A 120 -0.06 -5.13 0.92
N ALA A 121 0.48 -4.68 2.05
CA ALA A 121 1.26 -5.55 2.93
C ALA A 121 0.47 -6.65 3.62
N GLY A 122 -0.63 -6.27 4.25
CA GLY A 122 -1.42 -7.25 4.97
C GLY A 122 -2.40 -8.10 4.18
N TRP A 123 -2.57 -7.82 2.90
CA TRP A 123 -3.54 -8.61 2.14
C TRP A 123 -3.20 -8.93 0.69
N VAL A 124 -2.91 -7.91 -0.11
CA VAL A 124 -2.61 -8.11 -1.52
C VAL A 124 -1.47 -9.09 -1.78
N ILE A 125 -0.32 -8.85 -1.15
CA ILE A 125 0.84 -9.70 -1.34
C ILE A 125 0.68 -11.12 -0.74
N PRO A 126 0.23 -11.23 0.52
CA PRO A 126 0.07 -12.58 1.05
C PRO A 126 -0.94 -13.42 0.27
N MET A 127 -2.18 -12.94 0.13
CA MET A 127 -3.17 -13.72 -0.58
C MET A 127 -2.72 -13.85 -2.03
N GLY A 128 -2.07 -12.80 -2.54
CA GLY A 128 -1.60 -12.86 -3.92
C GLY A 128 -0.56 -13.97 -4.06
N LEU A 129 0.22 -14.17 -3.01
CA LEU A 129 1.25 -15.19 -3.02
C LEU A 129 0.65 -16.57 -2.87
N ILE A 130 -0.33 -16.68 -1.97
CA ILE A 130 -0.98 -17.96 -1.74
C ILE A 130 -1.72 -18.42 -3.00
N HIS A 131 -2.31 -17.50 -3.74
CA HIS A 131 -3.02 -17.91 -4.95
C HIS A 131 -2.05 -18.44 -5.98
N ASN A 132 -0.90 -17.79 -6.11
CA ASN A 132 0.10 -18.21 -7.08
C ASN A 132 0.70 -19.59 -6.81
N ARG A 133 1.08 -19.84 -5.56
CA ARG A 133 1.69 -21.13 -5.23
C ARG A 133 0.66 -22.21 -4.94
N THR A 134 -0.59 -21.81 -4.72
CA THR A 134 -1.64 -22.76 -4.39
C THR A 134 -2.74 -22.89 -5.45
N GLY A 135 -3.02 -21.80 -6.16
CA GLY A 135 -4.04 -21.84 -7.18
C GLY A 135 -5.43 -21.54 -6.64
N THR A 136 -5.54 -21.39 -5.33
CA THR A 136 -6.83 -21.10 -4.73
C THR A 136 -7.18 -19.62 -4.75
N CYS A 137 -8.47 -19.34 -4.71
CA CYS A 137 -8.98 -17.97 -4.69
C CYS A 137 -9.93 -17.90 -3.49
N ASN A 138 -9.98 -19.00 -2.75
CA ASN A 138 -10.84 -19.13 -1.58
C ASN A 138 -10.10 -18.64 -0.34
N PHE A 139 -9.70 -17.38 -0.35
CA PHE A 139 -8.96 -16.80 0.76
C PHE A 139 -9.61 -16.91 2.13
N ASP A 140 -10.94 -16.80 2.18
CA ASP A 140 -11.67 -16.87 3.44
C ASP A 140 -11.66 -18.26 4.07
N GLU A 141 -11.31 -19.28 3.29
CA GLU A 141 -11.29 -20.64 3.82
C GLU A 141 -9.90 -21.27 3.88
N TYR A 142 -8.88 -20.49 3.53
CA TYR A 142 -7.51 -21.01 3.58
C TYR A 142 -7.11 -21.17 5.04
N PHE A 143 -7.27 -20.08 5.79
CA PHE A 143 -6.96 -20.06 7.22
C PHE A 143 -8.20 -20.55 7.97
N SER A 144 -8.00 -21.21 9.11
CA SER A 144 -9.11 -21.71 9.90
C SER A 144 -9.86 -20.51 10.45
N GLU A 145 -9.09 -19.54 10.94
CA GLU A 145 -9.61 -18.30 11.50
C GLU A 145 -8.58 -17.20 11.22
N GLY A 146 -8.90 -16.00 11.67
CA GLY A 146 -7.97 -14.90 11.47
C GLY A 146 -8.68 -13.57 11.54
N CYS A 147 -7.90 -12.49 11.69
CA CYS A 147 -8.48 -11.16 11.74
C CYS A 147 -8.00 -10.34 10.56
N ALA A 148 -8.94 -9.93 9.72
CA ALA A 148 -8.64 -9.09 8.56
C ALA A 148 -9.67 -7.95 8.48
N PRO A 149 -9.41 -6.85 9.20
CA PRO A 149 -10.32 -5.71 9.18
C PRO A 149 -10.86 -5.42 7.78
N GLY A 150 -12.16 -5.23 7.67
CA GLY A 150 -12.76 -4.94 6.38
C GLY A 150 -13.36 -6.17 5.73
N SER A 151 -13.36 -7.29 6.44
CA SER A 151 -13.94 -8.52 5.91
C SER A 151 -15.39 -8.62 6.34
N PRO A 152 -16.17 -9.46 5.67
CA PRO A 152 -17.60 -9.64 6.01
C PRO A 152 -17.76 -9.99 7.49
N PRO A 153 -18.58 -9.21 8.22
CA PRO A 153 -18.82 -9.42 9.65
C PRO A 153 -18.81 -10.88 10.08
N ASN A 154 -19.53 -11.71 9.36
CA ASN A 154 -19.62 -13.13 9.68
C ASN A 154 -18.82 -13.97 8.69
N SER A 155 -17.53 -14.06 8.94
CA SER A 155 -16.61 -14.83 8.10
C SER A 155 -15.41 -15.19 8.97
N ARG A 156 -14.78 -16.32 8.68
CA ARG A 156 -13.63 -16.77 9.46
C ARG A 156 -12.58 -15.68 9.64
N LEU A 157 -12.38 -14.88 8.59
CA LEU A 157 -11.40 -13.80 8.65
C LEU A 157 -11.79 -12.65 9.57
N CYS A 158 -12.89 -12.84 10.31
CA CYS A 158 -13.34 -11.83 11.26
C CYS A 158 -13.42 -12.41 12.66
N GLN A 159 -13.45 -13.73 12.77
CA GLN A 159 -13.55 -14.39 14.06
C GLN A 159 -12.48 -13.99 15.06
N LEU A 160 -11.25 -13.78 14.57
CA LEU A 160 -10.16 -13.41 15.44
C LEU A 160 -10.16 -11.93 15.82
N CYS A 161 -10.85 -11.12 15.03
CA CYS A 161 -10.90 -9.71 15.32
C CYS A 161 -11.66 -9.45 16.61
N GLN A 162 -11.19 -8.46 17.34
CA GLN A 162 -11.81 -8.04 18.57
C GLN A 162 -12.52 -6.80 18.07
N GLY A 163 -13.04 -5.98 18.96
CA GLY A 163 -13.70 -4.78 18.50
C GLY A 163 -12.97 -3.60 19.10
N SER A 164 -13.75 -2.65 19.61
CA SER A 164 -13.21 -1.48 20.27
C SER A 164 -13.32 -1.78 21.76
N GLY A 165 -14.11 -2.80 22.07
CA GLY A 165 -14.33 -3.19 23.45
C GLY A 165 -15.50 -2.42 23.99
N GLY A 166 -15.83 -1.30 23.34
CA GLY A 166 -16.94 -0.45 23.76
C GLY A 166 -18.32 -0.97 23.43
N ILE A 167 -19.35 -0.18 23.75
CA ILE A 167 -20.73 -0.58 23.50
C ILE A 167 -20.86 -1.15 22.10
N PRO A 168 -20.94 -0.30 21.05
CA PRO A 168 -21.04 -0.96 19.74
C PRO A 168 -19.68 -1.63 19.52
N PRO A 169 -19.63 -2.97 19.67
CA PRO A 169 -18.39 -3.75 19.50
C PRO A 169 -17.51 -3.34 18.32
N GLU A 170 -18.11 -3.28 17.14
CA GLU A 170 -17.39 -2.93 15.92
C GLU A 170 -16.30 -3.93 15.56
N LYS A 171 -16.58 -5.22 15.76
CA LYS A 171 -15.60 -6.23 15.40
C LYS A 171 -15.34 -6.17 13.91
N CYS A 172 -14.10 -6.42 13.52
CA CYS A 172 -13.71 -6.46 12.12
C CYS A 172 -13.80 -5.14 11.35
N VAL A 173 -13.93 -4.01 12.05
CA VAL A 173 -14.02 -2.76 11.33
C VAL A 173 -12.64 -2.30 10.89
N ALA A 174 -12.57 -1.77 9.68
CA ALA A 174 -11.32 -1.30 9.10
C ALA A 174 -11.04 0.10 9.64
N SER A 175 -10.81 0.20 10.94
CA SER A 175 -10.54 1.48 11.56
C SER A 175 -9.82 1.30 12.90
N SER A 176 -9.28 2.40 13.42
CA SER A 176 -8.56 2.40 14.69
C SER A 176 -9.39 1.84 15.84
N HIS A 177 -10.70 1.72 15.64
CA HIS A 177 -11.56 1.19 16.68
C HIS A 177 -11.31 -0.30 16.83
N GLU A 178 -10.85 -0.92 15.75
CA GLU A 178 -10.54 -2.35 15.76
C GLU A 178 -9.13 -2.52 16.30
N LYS A 179 -9.01 -3.13 17.47
CA LYS A 179 -7.71 -3.35 18.10
C LYS A 179 -6.67 -3.94 17.15
N TYR A 180 -7.07 -4.93 16.38
CA TYR A 180 -6.19 -5.63 15.45
C TYR A 180 -6.01 -4.97 14.09
N PHE A 181 -6.46 -3.72 13.98
CA PHE A 181 -6.35 -2.98 12.72
C PHE A 181 -4.93 -2.41 12.53
N GLY A 182 -4.51 -2.32 11.26
CA GLY A 182 -3.20 -1.80 10.94
C GLY A 182 -2.03 -2.71 11.27
N TYR A 183 -0.82 -2.21 11.06
CA TYR A 183 0.41 -2.95 11.32
C TYR A 183 0.53 -3.32 12.79
N THR A 184 0.60 -2.29 13.64
CA THR A 184 0.69 -2.52 15.08
C THR A 184 -0.43 -3.43 15.55
N GLY A 185 -1.61 -3.29 14.94
CA GLY A 185 -2.74 -4.12 15.33
C GLY A 185 -2.57 -5.57 14.91
N ALA A 186 -2.05 -5.79 13.71
CA ALA A 186 -1.85 -7.15 13.20
C ALA A 186 -0.81 -7.87 14.08
N LEU A 187 0.21 -7.13 14.52
CA LEU A 187 1.26 -7.70 15.37
C LEU A 187 0.64 -8.12 16.69
N ARG A 188 -0.19 -7.24 17.27
CA ARG A 188 -0.84 -7.54 18.53
C ARG A 188 -1.72 -8.78 18.40
N CYS A 189 -2.34 -8.92 17.25
CA CYS A 189 -3.20 -10.07 16.98
C CYS A 189 -2.37 -11.36 17.01
N LEU A 190 -1.15 -11.29 16.51
CA LEU A 190 -0.24 -12.44 16.50
C LEU A 190 0.19 -12.76 17.92
N VAL A 191 0.51 -11.72 18.68
CA VAL A 191 0.94 -11.88 20.05
C VAL A 191 -0.17 -12.39 20.97
N GLU A 192 -1.42 -12.07 20.67
CA GLU A 192 -2.51 -12.50 21.53
C GLU A 192 -3.35 -13.66 21.02
N LYS A 193 -3.47 -13.83 19.71
CA LYS A 193 -4.31 -14.90 19.21
C LYS A 193 -3.87 -15.61 17.93
N GLY A 194 -3.27 -14.87 17.00
CA GLY A 194 -2.86 -15.44 15.74
C GLY A 194 -1.61 -16.29 15.66
N ASP A 195 -1.47 -16.97 14.52
CA ASP A 195 -0.33 -17.82 14.23
C ASP A 195 0.67 -17.04 13.38
N VAL A 196 0.18 -16.25 12.42
CA VAL A 196 1.04 -15.47 11.54
C VAL A 196 0.48 -14.05 11.36
N ALA A 197 1.37 -13.09 11.12
CA ALA A 197 0.95 -11.71 10.94
C ALA A 197 1.61 -11.13 9.70
N PHE A 198 0.79 -10.63 8.78
CA PHE A 198 1.30 -10.05 7.53
C PHE A 198 1.44 -8.55 7.63
N ILE A 199 2.66 -8.11 7.91
CA ILE A 199 2.94 -6.70 8.06
C ILE A 199 4.17 -6.32 7.24
N GLN A 200 4.82 -5.22 7.63
CA GLN A 200 6.01 -4.77 6.92
C GLN A 200 7.26 -5.07 7.74
N HIS A 201 8.42 -4.90 7.13
CA HIS A 201 9.69 -5.23 7.78
C HIS A 201 10.02 -4.48 9.07
N SER A 202 9.60 -3.23 9.18
CA SER A 202 9.91 -2.43 10.37
C SER A 202 8.95 -2.56 11.54
N THR A 203 7.84 -3.24 11.33
CA THR A 203 6.81 -3.42 12.35
C THR A 203 7.26 -3.98 13.71
N VAL A 204 7.82 -5.19 13.71
CA VAL A 204 8.29 -5.83 14.95
C VAL A 204 9.20 -4.89 15.75
N GLU A 205 10.16 -4.27 15.06
CA GLU A 205 11.09 -3.36 15.70
C GLU A 205 10.39 -2.19 16.40
N GLU A 206 9.53 -1.50 15.66
CA GLU A 206 8.81 -0.35 16.19
C GLU A 206 7.97 -0.65 17.43
N ASN A 207 7.80 -1.93 17.75
CA ASN A 207 6.99 -2.32 18.89
C ASN A 207 7.69 -3.19 19.93
N THR A 208 9.00 -3.30 19.83
CA THR A 208 9.75 -4.11 20.77
C THR A 208 10.76 -3.27 21.55
N GLY A 209 11.36 -3.89 22.56
CA GLY A 209 12.33 -3.20 23.38
C GLY A 209 11.71 -2.17 24.30
N GLY A 210 10.40 -1.98 24.18
CA GLY A 210 9.73 -1.01 25.02
C GLY A 210 9.34 0.26 24.27
N LYS A 211 9.58 0.30 22.96
CA LYS A 211 9.22 1.46 22.16
C LYS A 211 7.73 1.70 22.39
N ASN A 212 6.98 0.61 22.35
CA ASN A 212 5.54 0.63 22.56
C ASN A 212 5.33 0.36 24.06
N LYS A 213 4.94 1.40 24.79
CA LYS A 213 4.71 1.26 26.22
C LYS A 213 3.40 0.58 26.57
N ALA A 214 2.64 0.18 25.56
CA ALA A 214 1.37 -0.50 25.76
C ALA A 214 1.61 -1.72 26.66
N ASP A 215 0.53 -2.31 27.15
CA ASP A 215 0.64 -3.46 28.04
C ASP A 215 1.04 -4.75 27.33
N TRP A 216 0.37 -5.04 26.24
CA TRP A 216 0.66 -6.26 25.48
C TRP A 216 2.03 -6.19 24.81
N ALA A 217 2.58 -4.98 24.70
CA ALA A 217 3.88 -4.82 24.04
C ALA A 217 4.97 -4.18 24.90
N LYS A 218 4.94 -4.39 26.22
CA LYS A 218 5.94 -3.79 27.09
C LYS A 218 7.17 -4.68 27.26
N ASN A 219 6.96 -5.99 27.34
CA ASN A 219 8.05 -6.94 27.53
C ASN A 219 8.40 -7.72 26.27
N LEU A 220 7.95 -7.22 25.13
CA LEU A 220 8.21 -7.87 23.85
C LEU A 220 9.58 -7.49 23.29
N GLN A 221 10.31 -8.48 22.77
CA GLN A 221 11.62 -8.27 22.17
C GLN A 221 11.60 -8.83 20.75
N MET A 222 12.56 -8.41 19.93
CA MET A 222 12.62 -8.89 18.56
C MET A 222 12.76 -10.41 18.51
N ASP A 223 13.51 -10.96 19.46
CA ASP A 223 13.74 -12.40 19.50
C ASP A 223 12.46 -13.20 19.70
N ASP A 224 11.38 -12.53 20.11
CA ASP A 224 10.11 -13.23 20.32
C ASP A 224 9.46 -13.58 18.98
N PHE A 225 9.96 -12.97 17.91
CA PHE A 225 9.38 -13.19 16.59
C PHE A 225 10.39 -13.63 15.53
N GLU A 226 9.86 -14.31 14.51
CA GLU A 226 10.66 -14.78 13.38
C GLU A 226 9.89 -14.57 12.07
N LEU A 227 10.62 -14.45 10.97
CA LEU A 227 10.01 -14.26 9.67
C LEU A 227 9.81 -15.62 9.00
N LEU A 228 8.71 -15.74 8.25
CA LEU A 228 8.42 -16.97 7.54
C LEU A 228 8.79 -16.71 6.07
N CYS A 229 9.83 -17.39 5.60
CA CYS A 229 10.25 -17.20 4.22
C CYS A 229 9.39 -18.12 3.36
N THR A 230 9.28 -17.80 2.08
CA THR A 230 8.46 -18.61 1.19
C THR A 230 9.05 -19.99 0.89
N ASP A 231 10.23 -20.26 1.45
CA ASP A 231 10.90 -21.55 1.30
C ASP A 231 10.18 -22.52 2.22
N GLY A 232 9.97 -22.05 3.44
CA GLY A 232 9.34 -22.84 4.48
C GLY A 232 10.29 -22.67 5.64
N ARG A 233 11.41 -22.02 5.36
CA ARG A 233 12.42 -21.75 6.36
C ARG A 233 12.07 -20.45 7.08
N ARG A 234 12.55 -20.31 8.30
CA ARG A 234 12.28 -19.12 9.08
C ARG A 234 13.55 -18.30 9.18
N ALA A 235 13.41 -17.01 9.45
CA ALA A 235 14.58 -16.16 9.54
C ALA A 235 14.48 -15.17 10.69
N ASN A 236 15.62 -14.58 11.02
CA ASN A 236 15.67 -13.59 12.07
C ASN A 236 14.91 -12.36 11.58
N VAL A 237 14.20 -11.72 12.48
CA VAL A 237 13.42 -10.53 12.17
C VAL A 237 14.20 -9.45 11.44
N MET A 238 15.52 -9.41 11.65
CA MET A 238 16.36 -8.42 11.01
C MET A 238 16.83 -8.80 9.60
N ASP A 239 16.60 -10.04 9.19
CA ASP A 239 17.01 -10.49 7.86
C ASP A 239 15.90 -10.41 6.83
N TYR A 240 15.01 -9.43 6.97
CA TYR A 240 13.90 -9.30 6.04
C TYR A 240 14.34 -9.22 4.58
N ARG A 241 15.55 -8.74 4.33
CA ARG A 241 16.09 -8.63 2.97
C ARG A 241 16.19 -10.00 2.31
N GLU A 242 16.57 -11.00 3.11
CA GLU A 242 16.73 -12.37 2.64
C GLU A 242 15.50 -13.23 2.89
N CYS A 243 14.46 -12.63 3.47
CA CYS A 243 13.25 -13.36 3.78
C CYS A 243 12.05 -12.42 3.84
N ASN A 244 11.60 -11.99 2.69
CA ASN A 244 10.45 -11.09 2.62
C ASN A 244 9.48 -11.62 1.59
N LEU A 245 8.22 -11.24 1.75
CA LEU A 245 7.18 -11.67 0.82
C LEU A 245 7.33 -10.95 -0.49
N ALA A 246 7.78 -9.71 -0.41
CA ALA A 246 8.01 -8.90 -1.60
C ALA A 246 8.49 -7.52 -1.22
N GLU A 247 9.15 -6.87 -2.17
CA GLU A 247 9.62 -5.51 -1.96
C GLU A 247 8.52 -4.64 -2.55
N VAL A 248 8.00 -3.73 -1.75
CA VAL A 248 6.93 -2.86 -2.20
C VAL A 248 7.49 -1.56 -2.72
N PRO A 249 7.13 -1.19 -3.96
CA PRO A 249 7.64 0.07 -4.51
C PRO A 249 6.90 1.25 -3.89
N THR A 250 7.38 2.45 -4.16
CA THR A 250 6.73 3.64 -3.63
C THR A 250 5.52 3.95 -4.53
N HIS A 251 4.70 4.89 -4.11
CA HIS A 251 3.54 5.30 -4.90
C HIS A 251 4.01 6.04 -6.14
N ALA A 252 3.31 5.81 -7.25
CA ALA A 252 3.69 6.45 -8.50
C ALA A 252 2.59 7.30 -9.07
N VAL A 253 3.00 8.39 -9.70
CA VAL A 253 2.06 9.28 -10.35
C VAL A 253 1.89 8.63 -11.73
N VAL A 254 0.65 8.37 -12.12
CA VAL A 254 0.42 7.76 -13.42
C VAL A 254 -0.38 8.71 -14.29
N VAL A 255 -0.13 8.64 -15.59
CA VAL A 255 -0.77 9.53 -16.54
C VAL A 255 -0.91 8.86 -17.91
N ARG A 256 -1.58 9.53 -18.85
CA ARG A 256 -1.72 8.99 -20.20
C ARG A 256 -0.33 9.12 -20.79
N PRO A 257 0.12 8.14 -21.58
CA PRO A 257 1.45 8.23 -22.17
C PRO A 257 1.76 9.54 -22.90
N GLU A 258 0.86 10.01 -23.76
CA GLU A 258 1.13 11.25 -24.49
C GLU A 258 1.28 12.50 -23.64
N LYS A 259 0.89 12.43 -22.37
CA LYS A 259 1.03 13.58 -21.48
C LYS A 259 2.17 13.35 -20.51
N ALA A 260 2.89 12.25 -20.71
CA ALA A 260 4.01 11.89 -19.85
C ALA A 260 4.98 13.05 -19.62
N ASN A 261 5.76 13.36 -20.65
CA ASN A 261 6.75 14.43 -20.57
C ASN A 261 6.15 15.76 -20.14
N LYS A 262 4.89 15.98 -20.52
CA LYS A 262 4.21 17.21 -20.16
C LYS A 262 4.06 17.29 -18.64
N ILE A 263 3.44 16.26 -18.06
CA ILE A 263 3.20 16.21 -16.62
C ILE A 263 4.46 16.29 -15.76
N ARG A 264 5.55 15.65 -16.20
CA ARG A 264 6.77 15.70 -15.41
C ARG A 264 7.20 17.14 -15.16
N ASP A 265 7.48 17.83 -16.26
CA ASP A 265 7.91 19.21 -16.22
C ASP A 265 7.03 20.08 -15.34
N LEU A 266 5.71 19.86 -15.40
CA LEU A 266 4.79 20.65 -14.58
C LEU A 266 4.87 20.29 -13.10
N LEU A 267 5.15 19.02 -12.80
CA LEU A 267 5.26 18.59 -11.41
C LEU A 267 6.61 19.03 -10.85
N GLU A 268 7.65 18.97 -11.69
CA GLU A 268 8.97 19.41 -11.24
C GLU A 268 8.80 20.88 -10.90
N ARG A 269 8.17 21.62 -11.81
CA ARG A 269 7.92 23.04 -11.61
C ARG A 269 7.26 23.26 -10.26
N GLN A 270 6.29 22.41 -9.94
CA GLN A 270 5.56 22.51 -8.68
C GLN A 270 6.42 22.18 -7.48
N GLU A 271 7.35 21.24 -7.64
CA GLU A 271 8.25 20.89 -6.55
C GLU A 271 9.11 22.12 -6.22
N LYS A 272 9.65 22.73 -7.27
CA LYS A 272 10.50 23.92 -7.14
C LYS A 272 9.90 25.01 -6.27
N ARG A 273 8.58 25.01 -6.12
CA ARG A 273 7.92 26.06 -5.33
C ARG A 273 7.24 25.54 -4.06
N PHE A 274 6.72 24.33 -4.13
CA PHE A 274 5.99 23.77 -2.99
C PHE A 274 6.54 22.47 -2.44
N GLY A 275 7.76 22.13 -2.84
CA GLY A 275 8.38 20.91 -2.34
C GLY A 275 8.91 21.07 -0.93
N VAL A 276 9.73 20.13 -0.50
CA VAL A 276 10.32 20.20 0.84
C VAL A 276 11.24 21.41 0.89
N ASN A 277 11.87 21.72 -0.23
CA ASN A 277 12.77 22.87 -0.34
C ASN A 277 12.15 23.88 -1.29
N GLY A 278 10.82 23.97 -1.24
CA GLY A 278 10.11 24.88 -2.11
C GLY A 278 10.39 26.34 -1.81
N SER A 279 10.56 27.12 -2.87
CA SER A 279 10.81 28.54 -2.73
C SER A 279 9.61 29.18 -2.05
N GLU A 280 8.46 28.51 -2.15
CA GLU A 280 7.22 29.00 -1.56
C GLU A 280 6.60 28.02 -0.58
N LYS A 281 7.36 27.00 -0.19
CA LYS A 281 6.86 25.98 0.73
C LYS A 281 6.17 26.58 1.95
N SER A 282 6.36 27.88 2.16
CA SER A 282 5.75 28.56 3.30
C SER A 282 4.25 28.77 3.08
N LYS A 283 3.85 28.90 1.83
CA LYS A 283 2.44 29.08 1.50
C LYS A 283 1.72 27.74 1.49
N PHE A 284 2.28 26.80 0.75
CA PHE A 284 1.72 25.46 0.61
C PHE A 284 2.82 24.43 0.41
N MET A 285 2.68 23.28 1.05
CA MET A 285 3.67 22.21 0.92
C MET A 285 2.99 20.99 0.31
N MET A 286 3.37 20.66 -0.93
CA MET A 286 2.79 19.53 -1.65
C MET A 286 2.67 18.26 -0.83
N PHE A 287 3.78 17.89 -0.19
CA PHE A 287 3.87 16.67 0.59
C PHE A 287 3.52 16.80 2.06
N GLU A 288 2.69 17.78 2.37
CA GLU A 288 2.28 18.00 3.74
C GLU A 288 0.77 17.93 3.85
N SER A 289 0.27 17.23 4.86
CA SER A 289 -1.18 17.13 5.05
C SER A 289 -1.50 16.66 6.45
N GLN A 290 -0.61 16.96 7.39
CA GLN A 290 -0.79 16.59 8.78
C GLN A 290 -0.87 15.07 8.93
N ASN A 291 0.11 14.39 8.36
CA ASN A 291 0.20 12.93 8.38
C ASN A 291 -1.07 12.23 7.91
N LYS A 292 -1.80 12.86 7.00
CA LYS A 292 -3.02 12.26 6.48
C LYS A 292 -2.85 11.71 5.07
N ASP A 293 -1.68 11.91 4.47
CA ASP A 293 -1.38 11.43 3.12
C ASP A 293 -2.37 11.90 2.06
N LEU A 294 -2.63 13.21 2.04
CA LEU A 294 -3.54 13.77 1.06
C LEU A 294 -2.80 14.09 -0.23
N LEU A 295 -3.15 13.37 -1.29
CA LEU A 295 -2.55 13.52 -2.63
C LEU A 295 -1.23 12.77 -2.74
N PHE A 296 -0.39 12.97 -1.73
CA PHE A 296 0.91 12.32 -1.69
C PHE A 296 1.12 11.84 -0.27
N LYS A 297 2.02 10.88 -0.09
CA LYS A 297 2.30 10.40 1.25
C LYS A 297 3.09 11.52 1.92
N ASP A 298 2.75 11.85 3.16
CA ASP A 298 3.48 12.90 3.87
C ASP A 298 4.92 12.50 4.05
N LEU A 299 5.19 11.21 3.93
CA LEU A 299 6.53 10.67 4.07
C LEU A 299 7.35 10.95 2.80
N THR A 300 6.76 11.67 1.87
CA THR A 300 7.42 12.01 0.60
C THR A 300 8.35 13.22 0.73
N LYS A 301 9.57 13.06 0.22
CA LYS A 301 10.55 14.13 0.27
C LYS A 301 10.64 14.80 -1.09
N CYS A 302 10.35 14.03 -2.14
CA CYS A 302 10.42 14.55 -3.49
C CYS A 302 9.94 13.52 -4.50
N LEU A 303 9.71 13.95 -5.73
CA LEU A 303 9.27 13.06 -6.79
C LEU A 303 10.46 12.69 -7.66
N PHE A 304 10.69 11.40 -7.82
CA PHE A 304 11.79 10.95 -8.66
C PHE A 304 11.21 10.65 -10.04
N LYS A 305 11.94 11.03 -11.08
CA LYS A 305 11.49 10.83 -12.44
C LYS A 305 11.66 9.41 -12.93
N VAL A 306 10.57 8.81 -13.37
CA VAL A 306 10.63 7.45 -13.87
C VAL A 306 11.05 7.53 -15.33
N ARG A 307 12.10 6.79 -15.67
CA ARG A 307 12.64 6.76 -17.03
C ARG A 307 11.53 6.71 -18.07
N GLU A 308 11.65 7.50 -19.12
CA GLU A 308 10.64 7.50 -20.17
C GLU A 308 10.50 6.09 -20.72
N GLY A 309 9.32 5.78 -21.25
CA GLY A 309 9.09 4.46 -21.81
C GLY A 309 8.97 3.33 -20.79
N THR A 310 8.97 3.69 -19.51
CA THR A 310 8.85 2.69 -18.45
C THR A 310 7.39 2.32 -18.25
N THR A 311 7.07 1.05 -18.46
CA THR A 311 5.70 0.57 -18.29
C THR A 311 5.47 0.22 -16.82
N TYR A 312 4.24 -0.15 -16.50
CA TYR A 312 3.89 -0.52 -15.14
C TYR A 312 4.58 -1.82 -14.73
N LYS A 313 4.79 -2.71 -15.70
CA LYS A 313 5.41 -4.00 -15.44
C LYS A 313 6.83 -3.82 -14.92
N GLU A 314 7.58 -2.95 -15.59
CA GLU A 314 8.96 -2.69 -15.21
C GLU A 314 9.00 -2.00 -13.86
N PHE A 315 8.15 -0.99 -13.67
CA PHE A 315 8.12 -0.25 -12.42
C PHE A 315 7.82 -1.08 -11.18
N LEU A 316 6.82 -1.96 -11.26
CA LEU A 316 6.46 -2.77 -10.11
C LEU A 316 7.51 -3.83 -9.78
N GLY A 317 8.19 -4.31 -10.80
CA GLY A 317 9.18 -5.35 -10.57
C GLY A 317 8.51 -6.70 -10.71
N ASP A 318 9.22 -7.67 -11.26
CA ASP A 318 8.71 -9.01 -11.49
C ASP A 318 7.99 -9.66 -10.31
N LYS A 319 8.65 -9.75 -9.17
CA LYS A 319 8.05 -10.39 -8.01
C LYS A 319 6.71 -9.75 -7.63
N PHE A 320 6.72 -8.43 -7.40
CA PHE A 320 5.50 -7.73 -7.04
C PHE A 320 4.45 -7.87 -8.15
N TYR A 321 4.87 -7.62 -9.38
CA TYR A 321 3.97 -7.72 -10.52
C TYR A 321 3.26 -9.08 -10.54
N THR A 322 4.04 -10.13 -10.29
CA THR A 322 3.51 -11.49 -10.28
C THR A 322 2.46 -11.70 -9.22
N VAL A 323 2.72 -11.22 -8.00
CA VAL A 323 1.74 -11.40 -6.94
C VAL A 323 0.48 -10.55 -7.16
N ILE A 324 0.63 -9.38 -7.77
CA ILE A 324 -0.53 -8.52 -8.02
C ILE A 324 -1.42 -9.19 -9.07
N SER A 325 -0.86 -9.47 -10.24
CA SER A 325 -1.61 -10.12 -11.31
C SER A 325 -2.20 -11.42 -10.80
N SER A 326 -1.49 -12.06 -9.90
CA SER A 326 -1.93 -13.31 -9.30
C SER A 326 -3.20 -13.05 -8.51
N LEU A 327 -3.10 -12.16 -7.53
CA LEU A 327 -4.25 -11.82 -6.69
C LEU A 327 -5.46 -11.40 -7.52
N LYS A 328 -5.23 -10.54 -8.52
CA LYS A 328 -6.31 -10.04 -9.36
C LYS A 328 -6.97 -11.06 -10.29
N THR A 329 -6.33 -12.21 -10.49
CA THR A 329 -6.90 -13.25 -11.32
C THR A 329 -8.14 -13.73 -10.56
N CYS A 330 -8.12 -13.52 -9.25
CA CYS A 330 -9.21 -13.89 -8.37
C CYS A 330 -10.18 -12.72 -8.23
N ASN A 331 -11.37 -12.86 -8.81
CA ASN A 331 -12.38 -11.80 -8.72
C ASN A 331 -11.82 -10.40 -9.03
N PRO A 332 -11.50 -10.13 -10.30
CA PRO A 332 -10.95 -8.83 -10.67
C PRO A 332 -12.04 -7.73 -10.71
N SER A 333 -11.59 -6.48 -10.61
CA SER A 333 -12.52 -5.35 -10.63
C SER A 333 -13.11 -5.22 -12.03
N ASP A 334 -14.15 -4.41 -12.13
CA ASP A 334 -14.80 -4.20 -13.42
C ASP A 334 -13.85 -3.50 -14.38
N ILE A 335 -13.09 -2.53 -13.87
CA ILE A 335 -12.16 -1.79 -14.71
C ILE A 335 -11.11 -2.73 -15.28
N LEU A 336 -10.47 -3.50 -14.41
CA LEU A 336 -9.45 -4.43 -14.85
C LEU A 336 -10.01 -5.35 -15.94
N GLN A 337 -11.21 -5.88 -15.70
CA GLN A 337 -11.82 -6.75 -16.69
C GLN A 337 -12.06 -5.99 -17.98
N MET A 338 -12.61 -4.79 -17.87
CA MET A 338 -12.89 -3.97 -19.04
C MET A 338 -11.65 -3.65 -19.84
N CYS A 339 -10.57 -3.28 -19.16
CA CYS A 339 -9.33 -2.95 -19.85
C CYS A 339 -8.71 -4.14 -20.56
N SER A 340 -8.70 -5.29 -19.89
CA SER A 340 -8.13 -6.50 -20.47
C SER A 340 -8.92 -6.88 -21.72
N PHE A 341 -10.22 -6.66 -21.67
CA PHE A 341 -11.11 -6.96 -22.79
C PHE A 341 -10.81 -6.06 -23.98
N LEU A 342 -10.63 -4.77 -23.69
CA LEU A 342 -10.35 -3.76 -24.71
C LEU A 342 -9.13 -4.04 -25.58
N GLU A 343 -8.23 -4.86 -25.06
CA GLU A 343 -7.01 -5.19 -25.78
C GLU A 343 -7.03 -6.62 -26.32
N GLY A 344 -5.86 -7.23 -26.39
CA GLY A 344 -5.77 -8.60 -26.87
C GLY A 344 -5.70 -9.54 -25.69
N LYS A 345 -5.07 -9.08 -24.61
CA LYS A 345 -4.93 -9.88 -23.39
C LYS A 345 -6.23 -9.86 -22.60
#